data_7XC8
#
_entry.id   7XC8
#
_cell.length_a   151.273
_cell.length_b   151.273
_cell.length_c   61.026
_cell.angle_alpha   90.000
_cell.angle_beta   90.000
_cell.angle_gamma   120.000
#
_symmetry.space_group_name_H-M   'P 61 2 2'
#
loop_
_entity.id
_entity.type
_entity.pdbx_description
1 polymer Beta-expansin
2 non-polymer GLYCEROL
3 non-polymer DI(HYDROXYETHYL)ETHER
4 water water
#
_entity_poly.entity_id   1
_entity_poly.type   'polypeptide(L)'
_entity_poly.pdbx_seq_one_letter_code
;MGSHMCDRCLHQSKAAYFSKASALSAGACGYGSLALGLSGGHLAAGVSSLYKDGAGCGACFQIRCKDSTLCSSEGTRITL
TDLNHNNETDFVLSSRAFMAMANKGMGRDILKLGIVDVEYKRIPCEYKNQNLAVRVEESSQKPTYLAIKLMYQGGQTEVV
AMDVAQVGSANWNFMSRNHGAVWDTSRVPNGALQFRFVVTSGFDGKWIWAKSVLPAEWKTGVIYDSGVQITDIAKEGCSP
CDDSHWRLE
;
_entity_poly.pdbx_strand_id   A
#
loop_
_chem_comp.id
_chem_comp.type
_chem_comp.name
_chem_comp.formula
GOL non-polymer GLYCEROL 'C3 H8 O3'
PEG non-polymer DI(HYDROXYETHYL)ETHER 'C4 H10 O3'
#
# COMPACT_ATOMS: atom_id res chain seq x y z
N ARG A 8 -6.53 11.99 11.90
CA ARG A 8 -7.13 11.96 10.56
C ARG A 8 -8.16 13.10 10.35
N CYS A 9 -8.21 13.61 9.12
CA CYS A 9 -9.23 14.57 8.69
C CYS A 9 -10.39 13.82 8.03
N LEU A 10 -11.39 14.58 7.58
CA LEU A 10 -12.54 14.03 6.88
C LEU A 10 -12.64 14.69 5.51
N HIS A 11 -12.67 13.89 4.45
CA HIS A 11 -12.57 14.40 3.09
C HIS A 11 -13.82 14.07 2.30
N GLN A 12 -14.28 15.05 1.53
CA GLN A 12 -15.43 14.91 0.62
C GLN A 12 -14.92 14.85 -0.80
N SER A 13 -15.45 13.91 -1.57
CA SER A 13 -15.07 13.81 -2.97
C SER A 13 -16.12 12.97 -3.68
N LYS A 14 -15.82 12.60 -4.90
CA LYS A 14 -16.59 11.60 -5.64
C LYS A 14 -15.72 10.37 -5.82
N ALA A 15 -16.36 9.24 -6.11
CA ALA A 15 -15.64 8.03 -6.46
C ALA A 15 -16.29 7.39 -7.67
N ALA A 16 -15.46 6.89 -8.59
CA ALA A 16 -15.89 6.00 -9.66
C ALA A 16 -15.30 4.61 -9.42
N TYR A 17 -15.38 3.74 -10.43
CA TYR A 17 -14.87 2.39 -10.26
C TYR A 17 -14.51 1.83 -11.63
N PHE A 18 -13.79 0.70 -11.63
CA PHE A 18 -13.39 0.04 -12.88
C PHE A 18 -13.64 -1.46 -12.77
N SER A 19 -13.64 -2.12 -13.94
CA SER A 19 -13.84 -3.56 -14.01
C SER A 19 -12.76 -4.28 -13.21
N LYS A 20 -13.00 -5.55 -12.90
CA LYS A 20 -11.98 -6.27 -12.14
C LYS A 20 -10.72 -6.47 -12.98
N ALA A 21 -10.84 -6.53 -14.30
CA ALA A 21 -9.68 -6.74 -15.16
C ALA A 21 -8.72 -5.56 -15.09
N SER A 22 -9.25 -4.33 -14.98
CA SER A 22 -8.42 -3.16 -14.75
C SER A 22 -7.78 -3.21 -13.36
N ALA A 23 -8.48 -3.83 -12.40
CA ALA A 23 -7.97 -3.95 -11.05
C ALA A 23 -6.86 -4.99 -10.98
N LEU A 24 -7.17 -6.22 -11.41
CA LEU A 24 -6.17 -7.28 -11.49
C LEU A 24 -4.94 -6.80 -12.25
N SER A 25 -5.14 -6.12 -13.38
CA SER A 25 -4.03 -5.56 -14.12
C SER A 25 -3.17 -4.71 -13.20
N ALA A 26 -1.90 -4.58 -13.55
CA ALA A 26 -0.93 -3.98 -12.66
C ALA A 26 -1.17 -2.47 -12.52
N GLY A 27 -1.18 -2.00 -11.27
CA GLY A 27 -1.27 -0.60 -10.95
C GLY A 27 0.09 -0.01 -10.61
N ALA A 28 0.08 1.31 -10.39
CA ALA A 28 1.32 2.08 -10.28
C ALA A 28 2.22 1.61 -9.13
N CYS A 29 1.65 1.05 -8.07
CA CYS A 29 2.43 0.64 -6.91
C CYS A 29 3.33 -0.56 -7.18
N GLY A 30 3.07 -1.31 -8.23
CA GLY A 30 3.85 -2.51 -8.52
C GLY A 30 3.40 -3.77 -7.81
N TYR A 31 2.27 -3.75 -7.11
CA TYR A 31 1.78 -4.96 -6.45
C TYR A 31 1.40 -6.07 -7.42
N GLY A 32 1.15 -5.75 -8.69
CA GLY A 32 0.71 -6.77 -9.62
C GLY A 32 -0.55 -7.48 -9.13
N SER A 33 -0.55 -8.80 -9.31
CA SER A 33 -1.69 -9.61 -8.89
C SER A 33 -1.79 -9.75 -7.38
N LEU A 34 -0.72 -9.45 -6.63
CA LEU A 34 -0.77 -9.46 -5.18
C LEU A 34 -1.68 -8.38 -4.63
N ALA A 35 -2.09 -7.41 -5.46
CA ALA A 35 -2.91 -6.31 -4.95
C ALA A 35 -4.26 -6.79 -4.48
N LEU A 36 -4.79 -7.85 -5.09
CA LEU A 36 -6.11 -8.35 -4.69
C LEU A 36 -6.08 -8.83 -3.24
N GLY A 37 -5.14 -9.73 -2.94
CA GLY A 37 -5.03 -10.22 -1.58
C GLY A 37 -4.71 -9.11 -0.60
N LEU A 38 -3.80 -8.21 -0.98
CA LEU A 38 -3.34 -7.15 -0.07
C LEU A 38 -4.50 -6.30 0.42
N SER A 39 -5.46 -6.01 -0.45
CA SER A 39 -6.58 -5.13 -0.16
C SER A 39 -7.86 -5.88 0.18
N GLY A 40 -7.84 -7.22 0.16
CA GLY A 40 -9.06 -7.96 0.41
C GLY A 40 -10.09 -7.77 -0.69
N GLY A 41 -9.64 -7.60 -1.93
CA GLY A 41 -10.53 -7.27 -3.01
C GLY A 41 -10.91 -5.81 -3.12
N HIS A 42 -10.62 -5.01 -2.09
CA HIS A 42 -11.07 -3.62 -2.01
C HIS A 42 -9.97 -2.64 -2.39
N LEU A 43 -9.39 -2.82 -3.56
CA LEU A 43 -8.29 -1.97 -3.99
C LEU A 43 -8.84 -0.70 -4.66
N ALA A 44 -7.99 0.32 -4.74
CA ALA A 44 -8.46 1.62 -5.20
C ALA A 44 -7.29 2.38 -5.82
N ALA A 45 -7.59 3.19 -6.83
CA ALA A 45 -6.65 4.16 -7.38
C ALA A 45 -6.94 5.53 -6.78
N GLY A 46 -5.91 6.22 -6.33
CA GLY A 46 -6.05 7.49 -5.65
C GLY A 46 -5.31 8.61 -6.37
N VAL A 47 -5.80 9.84 -6.18
CA VAL A 47 -5.20 10.99 -6.84
C VAL A 47 -3.78 11.20 -6.33
N SER A 48 -3.08 12.15 -6.98
CA SER A 48 -1.65 12.32 -6.75
C SER A 48 -1.35 12.62 -5.28
N SER A 49 -2.17 13.47 -4.64
CA SER A 49 -1.95 13.80 -3.24
C SER A 49 -2.17 12.62 -2.30
N LEU A 50 -2.77 11.54 -2.79
CA LEU A 50 -2.85 10.32 -1.99
C LEU A 50 -1.80 9.30 -2.43
N TYR A 51 -1.57 9.19 -3.73
CA TYR A 51 -0.50 8.32 -4.22
C TYR A 51 0.85 8.72 -3.63
N LYS A 52 1.09 10.04 -3.54
CA LYS A 52 2.32 10.57 -2.96
C LYS A 52 3.56 9.92 -3.59
N ASP A 53 3.53 9.80 -4.92
CA ASP A 53 4.63 9.26 -5.70
C ASP A 53 5.08 7.89 -5.20
N GLY A 54 4.09 7.07 -4.84
CA GLY A 54 4.32 5.74 -4.35
C GLY A 54 4.38 5.63 -2.83
N ALA A 55 4.65 6.72 -2.13
CA ALA A 55 4.67 6.68 -0.67
C ALA A 55 3.29 6.36 -0.10
N GLY A 56 2.23 6.67 -0.86
CA GLY A 56 0.89 6.33 -0.43
C GLY A 56 0.49 4.89 -0.61
N CYS A 57 1.31 4.09 -1.31
CA CYS A 57 0.95 2.72 -1.64
C CYS A 57 0.65 1.92 -0.39
N GLY A 58 -0.53 1.32 -0.36
CA GLY A 58 -0.95 0.56 0.80
C GLY A 58 -1.63 1.37 1.87
N ALA A 59 -1.88 2.66 1.62
CA ALA A 59 -2.67 3.45 2.56
C ALA A 59 -4.09 2.89 2.62
N CYS A 60 -4.63 2.78 3.84
CA CYS A 60 -5.96 2.25 4.05
C CYS A 60 -6.92 3.39 4.36
N PHE A 61 -8.13 3.27 3.85
CA PHE A 61 -9.15 4.32 4.00
C PHE A 61 -10.48 3.68 4.39
N GLN A 62 -11.29 4.46 5.09
CA GLN A 62 -12.69 4.16 5.31
C GLN A 62 -13.46 5.10 4.38
N ILE A 63 -14.23 4.53 3.47
CA ILE A 63 -14.94 5.33 2.48
C ILE A 63 -16.42 4.95 2.52
N ARG A 64 -17.28 5.96 2.41
CA ARG A 64 -18.71 5.70 2.29
C ARG A 64 -19.34 6.73 1.37
N CYS A 65 -20.44 6.35 0.74
CA CYS A 65 -21.06 7.21 -0.25
C CYS A 65 -22.30 7.88 0.34
N LYS A 66 -22.82 8.87 -0.38
CA LYS A 66 -23.79 9.80 0.18
C LYS A 66 -25.19 9.72 -0.44
N ASP A 67 -25.45 8.77 -1.33
CA ASP A 67 -26.82 8.48 -1.77
C ASP A 67 -27.60 7.87 -0.62
N SER A 68 -28.63 8.58 -0.15
CA SER A 68 -29.32 8.19 1.09
C SER A 68 -30.07 6.86 0.93
N THR A 69 -30.53 6.56 -0.28
CA THR A 69 -31.22 5.29 -0.49
C THR A 69 -30.22 4.14 -0.56
N LEU A 70 -29.13 4.32 -1.29
CA LEU A 70 -28.30 3.19 -1.70
C LEU A 70 -27.14 2.89 -0.73
N CYS A 71 -26.69 3.88 0.04
CA CYS A 71 -25.40 3.78 0.72
C CYS A 71 -25.58 3.43 2.20
N SER A 72 -24.73 2.54 2.69
CA SER A 72 -24.68 2.28 4.12
C SER A 72 -24.00 3.42 4.85
N SER A 73 -24.22 3.48 6.16
CA SER A 73 -23.60 4.51 6.97
C SER A 73 -22.16 4.17 7.32
N GLU A 74 -21.85 2.89 7.48
CA GLU A 74 -20.51 2.47 7.84
C GLU A 74 -19.55 2.53 6.66
N GLY A 75 -20.06 2.38 5.43
CA GLY A 75 -19.17 2.35 4.27
C GLY A 75 -18.34 1.07 4.25
N THR A 76 -17.08 1.19 3.81
CA THR A 76 -16.21 0.03 3.70
C THR A 76 -14.75 0.47 3.74
N ARG A 77 -13.86 -0.51 3.84
CA ARG A 77 -12.41 -0.29 3.80
C ARG A 77 -11.87 -0.42 2.37
N ILE A 78 -10.91 0.45 2.03
CA ILE A 78 -10.22 0.38 0.75
C ILE A 78 -8.71 0.54 0.99
N THR A 79 -7.93 0.05 0.03
CA THR A 79 -6.47 0.13 0.10
C THR A 79 -5.95 0.73 -1.20
N LEU A 80 -5.14 1.78 -1.09
CA LEU A 80 -4.56 2.42 -2.27
C LEU A 80 -3.52 1.52 -2.91
N THR A 81 -3.74 1.14 -4.18
CA THR A 81 -2.78 0.33 -4.92
C THR A 81 -2.43 0.90 -6.28
N ASP A 82 -2.98 2.06 -6.64
CA ASP A 82 -2.79 2.60 -7.97
C ASP A 82 -2.87 4.11 -7.89
N LEU A 83 -2.48 4.76 -8.99
CA LEU A 83 -2.61 6.20 -9.11
C LEU A 83 -3.78 6.49 -10.04
N ASN A 84 -4.70 7.33 -9.58
CA ASN A 84 -5.85 7.76 -10.36
C ASN A 84 -5.46 8.98 -11.19
N HIS A 85 -5.51 8.84 -12.52
CA HIS A 85 -5.17 9.92 -13.44
C HIS A 85 -6.34 10.82 -13.79
N ASN A 86 -7.57 10.42 -13.53
CA ASN A 86 -8.69 11.21 -14.04
C ASN A 86 -8.71 12.55 -13.32
N ASN A 87 -9.28 13.54 -13.96
CA ASN A 87 -9.38 14.84 -13.30
C ASN A 87 -10.77 15.06 -12.72
N GLU A 88 -11.33 14.03 -12.06
CA GLU A 88 -12.74 14.04 -11.64
C GLU A 88 -12.98 13.52 -10.23
N THR A 89 -12.27 12.47 -9.83
CA THR A 89 -12.51 11.86 -8.53
C THR A 89 -11.21 11.69 -7.77
N ASP A 90 -11.34 11.62 -6.44
CA ASP A 90 -10.21 11.26 -5.61
C ASP A 90 -9.87 9.79 -5.72
N PHE A 91 -10.90 8.94 -5.84
CA PHE A 91 -10.70 7.50 -5.90
C PHE A 91 -11.39 6.92 -7.13
N VAL A 92 -10.80 5.86 -7.67
CA VAL A 92 -11.47 4.94 -8.58
C VAL A 92 -11.31 3.56 -7.94
N LEU A 93 -12.41 2.99 -7.46
CA LEU A 93 -12.39 1.77 -6.68
C LEU A 93 -12.53 0.55 -7.57
N SER A 94 -12.21 -0.61 -6.99
CA SER A 94 -12.59 -1.83 -7.68
C SER A 94 -14.11 -1.99 -7.64
N SER A 95 -14.63 -2.81 -8.54
CA SER A 95 -16.05 -3.17 -8.51
C SER A 95 -16.47 -3.64 -7.11
N ARG A 96 -15.69 -4.54 -6.51
CA ARG A 96 -16.02 -5.05 -5.19
C ARG A 96 -16.04 -3.94 -4.14
N ALA A 97 -15.08 -3.02 -4.19
CA ALA A 97 -15.08 -1.94 -3.20
C ALA A 97 -16.29 -1.05 -3.38
N PHE A 98 -16.60 -0.68 -4.63
CA PHE A 98 -17.76 0.16 -4.90
C PHE A 98 -19.05 -0.49 -4.38
N MET A 99 -19.28 -1.76 -4.72
CA MET A 99 -20.46 -2.48 -4.22
C MET A 99 -20.50 -2.50 -2.69
N ALA A 100 -19.35 -2.74 -2.06
CA ALA A 100 -19.30 -2.82 -0.61
C ALA A 100 -19.74 -1.54 0.09
N MET A 101 -19.88 -0.43 -0.63
CA MET A 101 -20.37 0.81 -0.02
C MET A 101 -21.88 0.82 0.15
N ALA A 102 -22.60 -0.04 -0.56
CA ALA A 102 -24.04 0.00 -0.53
C ALA A 102 -24.59 -0.76 0.67
N ASN A 103 -25.83 -0.43 1.03
CA ASN A 103 -26.62 -1.27 1.92
C ASN A 103 -26.66 -2.71 1.42
N LYS A 104 -26.86 -3.65 2.34
CA LYS A 104 -27.03 -5.06 1.97
C LYS A 104 -28.11 -5.22 0.92
N GLY A 105 -27.80 -5.98 -0.14
CA GLY A 105 -28.74 -6.21 -1.21
C GLY A 105 -28.78 -5.13 -2.26
N MET A 106 -28.07 -4.03 -2.07
CA MET A 106 -28.13 -2.94 -3.05
C MET A 106 -26.82 -2.80 -3.82
N GLY A 107 -25.94 -3.79 -3.77
CA GLY A 107 -24.68 -3.71 -4.49
C GLY A 107 -24.86 -3.52 -5.98
N ARG A 108 -25.68 -4.37 -6.61
CA ARG A 108 -25.93 -4.21 -8.03
C ARG A 108 -26.59 -2.87 -8.32
N ASP A 109 -27.38 -2.36 -7.38
CA ASP A 109 -28.04 -1.06 -7.60
C ASP A 109 -27.02 0.07 -7.68
N ILE A 110 -26.04 0.08 -6.77
CA ILE A 110 -25.07 1.16 -6.73
C ILE A 110 -24.15 1.12 -7.94
N LEU A 111 -23.83 -0.08 -8.44
CA LEU A 111 -23.02 -0.19 -9.65
C LEU A 111 -23.63 0.58 -10.82
N LYS A 112 -24.96 0.76 -10.84
CA LYS A 112 -25.60 1.45 -11.96
C LYS A 112 -25.19 2.92 -12.04
N LEU A 113 -24.85 3.53 -10.89
CA LEU A 113 -24.58 4.96 -10.87
C LEU A 113 -23.28 5.31 -11.61
N GLY A 114 -22.26 4.46 -11.51
CA GLY A 114 -20.96 4.81 -12.10
C GLY A 114 -20.07 5.72 -11.25
N ILE A 115 -20.59 6.87 -10.81
CA ILE A 115 -19.94 7.75 -9.86
C ILE A 115 -20.92 7.95 -8.72
N VAL A 116 -20.39 8.33 -7.57
CA VAL A 116 -21.22 8.69 -6.43
C VAL A 116 -20.41 9.62 -5.55
N ASP A 117 -21.08 10.54 -4.87
CA ASP A 117 -20.38 11.36 -3.89
C ASP A 117 -19.93 10.48 -2.74
N VAL A 118 -18.75 10.75 -2.19
CA VAL A 118 -18.20 9.91 -1.13
C VAL A 118 -17.61 10.79 -0.03
N GLU A 119 -17.32 10.14 1.07
CA GLU A 119 -16.74 10.77 2.23
C GLU A 119 -15.76 9.74 2.77
N TYR A 120 -14.54 10.17 3.11
CA TYR A 120 -13.53 9.19 3.44
C TYR A 120 -12.49 9.78 4.38
N LYS A 121 -11.81 8.87 5.08
CA LYS A 121 -10.74 9.21 6.00
C LYS A 121 -9.68 8.12 5.99
N ARG A 122 -8.43 8.54 6.17
CA ARG A 122 -7.33 7.60 6.33
C ARG A 122 -7.48 6.85 7.66
N ILE A 123 -7.16 5.55 7.66
CA ILE A 123 -7.29 4.72 8.85
C ILE A 123 -6.11 3.76 8.92
N PRO A 124 -5.85 3.18 10.11
CA PRO A 124 -4.77 2.20 10.24
C PRO A 124 -5.02 0.95 9.43
N CYS A 125 -3.99 0.51 8.72
CA CYS A 125 -3.99 -0.80 8.10
C CYS A 125 -3.76 -1.87 9.16
N GLU A 126 -4.43 -3.00 9.02
CA GLU A 126 -4.38 -4.07 10.02
C GLU A 126 -4.25 -5.42 9.33
N TYR A 127 -3.08 -6.03 9.43
CA TYR A 127 -2.84 -7.33 8.82
C TYR A 127 -2.68 -8.33 9.97
N LYS A 128 -3.82 -8.90 10.39
CA LYS A 128 -3.90 -9.83 11.51
C LYS A 128 -2.89 -10.96 11.35
N ASN A 129 -2.02 -11.13 12.36
CA ASN A 129 -1.04 -12.22 12.41
C ASN A 129 0.00 -12.14 11.30
N GLN A 130 0.25 -10.94 10.75
CA GLN A 130 1.13 -10.78 9.60
C GLN A 130 1.99 -9.55 9.80
N ASN A 131 3.31 -9.75 9.76
CA ASN A 131 4.24 -8.65 9.90
C ASN A 131 4.44 -7.96 8.56
N LEU A 132 5.05 -6.76 8.64
CA LEU A 132 5.65 -6.16 7.46
C LEU A 132 6.54 -7.20 6.78
N ALA A 133 6.39 -7.34 5.47
CA ALA A 133 7.12 -8.33 4.73
C ALA A 133 7.84 -7.67 3.58
N VAL A 134 8.90 -8.32 3.11
CA VAL A 134 9.76 -7.80 2.05
C VAL A 134 9.83 -8.86 0.96
N ARG A 135 9.29 -8.54 -0.21
CA ARG A 135 9.28 -9.44 -1.36
C ARG A 135 10.45 -9.11 -2.27
N VAL A 136 11.13 -10.15 -2.77
CA VAL A 136 12.23 -9.94 -3.71
C VAL A 136 11.66 -9.93 -5.11
N GLU A 137 11.80 -8.80 -5.80
CA GLU A 137 11.20 -8.66 -7.10
C GLU A 137 12.01 -9.41 -8.15
N GLU A 138 11.29 -9.89 -9.16
CA GLU A 138 11.89 -10.69 -10.22
C GLU A 138 12.98 -9.95 -10.98
N SER A 139 12.95 -8.62 -11.03
CA SER A 139 13.98 -7.92 -11.78
C SER A 139 15.33 -7.92 -11.07
N SER A 140 15.40 -8.40 -9.83
CA SER A 140 16.67 -8.49 -9.13
C SER A 140 17.63 -9.40 -9.88
N GLN A 141 18.93 -9.18 -9.68
CA GLN A 141 20.00 -10.02 -10.21
C GLN A 141 20.94 -10.34 -9.04
N LYS A 142 20.81 -11.56 -8.50
CA LYS A 142 21.14 -11.90 -7.11
C LYS A 142 22.37 -11.23 -6.55
N PRO A 143 23.53 -11.24 -7.19
CA PRO A 143 24.66 -10.54 -6.55
C PRO A 143 24.61 -9.02 -6.73
N THR A 144 24.32 -8.55 -7.95
CA THR A 144 24.60 -7.16 -8.31
C THR A 144 23.46 -6.20 -8.05
N TYR A 145 22.21 -6.66 -8.04
CA TYR A 145 21.08 -5.75 -8.04
C TYR A 145 19.94 -6.36 -7.23
N LEU A 146 19.41 -5.60 -6.27
CA LEU A 146 18.30 -6.04 -5.44
C LEU A 146 17.12 -5.08 -5.57
N ALA A 147 15.97 -5.61 -5.97
CA ALA A 147 14.71 -4.88 -5.98
C ALA A 147 13.75 -5.58 -5.03
N ILE A 148 13.16 -4.81 -4.10
CA ILE A 148 12.27 -5.36 -3.10
C ILE A 148 10.97 -4.57 -3.10
N LYS A 149 9.92 -5.21 -2.60
CA LYS A 149 8.59 -4.59 -2.56
C LYS A 149 8.03 -4.79 -1.16
N LEU A 150 7.75 -3.67 -0.47
CA LEU A 150 7.17 -3.77 0.86
C LEU A 150 5.74 -4.29 0.80
N MET A 151 5.43 -5.28 1.63
CA MET A 151 4.07 -5.81 1.73
C MET A 151 3.57 -5.81 3.17
N TYR A 152 2.26 -5.57 3.30
CA TYR A 152 1.56 -5.57 4.58
C TYR A 152 2.12 -4.50 5.50
N GLN A 153 2.15 -3.28 5.01
CA GLN A 153 2.65 -2.15 5.80
C GLN A 153 1.51 -1.71 6.70
N GLY A 154 1.61 -2.02 8.01
CA GLY A 154 0.56 -1.71 8.96
C GLY A 154 0.57 -0.25 9.39
N GLY A 155 -0.46 0.12 10.14
CA GLY A 155 -0.52 1.45 10.69
C GLY A 155 -1.05 2.48 9.71
N GLN A 156 -0.63 3.72 9.91
CA GLN A 156 -1.15 4.86 9.15
C GLN A 156 -0.01 5.86 8.90
N THR A 157 1.01 5.41 8.18
CA THR A 157 2.17 6.26 7.97
C THR A 157 2.83 5.90 6.64
N GLU A 158 4.05 6.43 6.45
CA GLU A 158 4.76 6.30 5.19
C GLU A 158 6.23 6.02 5.45
N VAL A 159 6.77 5.06 4.71
CA VAL A 159 8.19 4.81 4.71
C VAL A 159 8.85 5.82 3.77
N VAL A 160 9.55 6.80 4.33
CA VAL A 160 10.10 7.86 3.51
C VAL A 160 11.56 7.63 3.13
N ALA A 161 12.28 6.82 3.90
CA ALA A 161 13.66 6.44 3.55
C ALA A 161 13.91 5.03 4.08
N MET A 162 14.95 4.39 3.53
CA MET A 162 15.23 2.99 3.85
C MET A 162 16.70 2.67 3.68
N ASP A 163 17.24 1.90 4.64
CA ASP A 163 18.64 1.50 4.73
C ASP A 163 18.77 -0.01 4.67
N VAL A 164 19.89 -0.46 4.10
CA VAL A 164 20.22 -1.89 4.08
C VAL A 164 21.68 -2.07 4.55
N ALA A 165 21.95 -3.25 5.08
CA ALA A 165 23.24 -3.60 5.62
C ALA A 165 23.23 -5.09 5.86
N GLN A 166 24.42 -5.68 5.80
CA GLN A 166 24.58 -7.07 6.21
C GLN A 166 24.13 -7.25 7.64
N VAL A 167 23.42 -8.37 7.91
CA VAL A 167 23.09 -8.73 9.27
C VAL A 167 24.35 -8.70 10.14
N GLY A 168 24.28 -7.97 11.25
CA GLY A 168 25.41 -7.84 12.13
C GLY A 168 26.45 -6.83 11.71
N SER A 169 26.33 -6.21 10.55
CA SER A 169 27.26 -5.18 10.13
C SER A 169 26.73 -3.81 10.52
N ALA A 170 27.65 -2.87 10.61
CA ALA A 170 27.30 -1.47 10.86
C ALA A 170 27.30 -0.63 9.60
N ASN A 171 27.80 -1.16 8.49
CA ASN A 171 27.90 -0.44 7.22
C ASN A 171 26.51 -0.37 6.60
N TRP A 172 25.83 0.75 6.84
CA TRP A 172 24.49 1.01 6.34
C TRP A 172 24.57 1.88 5.11
N ASN A 173 23.75 1.57 4.11
CA ASN A 173 23.63 2.43 2.95
C ASN A 173 22.23 2.35 2.41
N PHE A 174 21.81 3.45 1.79
CA PHE A 174 20.40 3.67 1.53
C PHE A 174 19.91 2.93 0.29
N MET A 175 18.63 2.59 0.32
CA MET A 175 17.84 2.13 -0.81
C MET A 175 17.13 3.30 -1.46
N SER A 176 16.79 3.12 -2.73
CA SER A 176 16.06 4.13 -3.47
C SER A 176 14.67 3.61 -3.73
N ARG A 177 13.66 4.45 -3.55
CA ARG A 177 12.35 4.11 -4.05
C ARG A 177 12.40 4.21 -5.57
N ASN A 178 12.36 3.06 -6.25
CA ASN A 178 12.38 3.05 -7.70
C ASN A 178 11.05 3.57 -8.26
N HIS A 179 9.95 2.95 -7.87
CA HIS A 179 8.60 3.36 -8.22
C HIS A 179 7.63 2.59 -7.34
N GLY A 180 6.51 3.25 -7.01
CA GLY A 180 5.47 2.57 -6.25
C GLY A 180 6.00 2.15 -4.89
N ALA A 181 5.69 0.91 -4.52
CA ALA A 181 6.19 0.32 -3.28
C ALA A 181 7.48 -0.46 -3.49
N VAL A 182 8.14 -0.28 -4.64
CA VAL A 182 9.35 -1.02 -5.01
C VAL A 182 10.58 -0.15 -4.72
N TRP A 183 11.49 -0.69 -3.92
CA TRP A 183 12.78 -0.07 -3.61
C TRP A 183 13.89 -0.96 -4.12
N ASP A 184 15.03 -0.35 -4.45
CA ASP A 184 16.15 -1.12 -5.00
C ASP A 184 17.50 -0.48 -4.67
N THR A 185 18.55 -1.25 -4.99
CA THR A 185 19.93 -0.79 -4.89
C THR A 185 20.80 -1.66 -5.80
N SER A 186 21.85 -1.07 -6.34
CA SER A 186 22.85 -1.86 -7.02
C SER A 186 24.17 -1.84 -6.26
N ARG A 187 24.11 -1.55 -4.97
CA ARG A 187 25.21 -1.71 -4.02
C ARG A 187 24.70 -2.67 -2.93
N VAL A 188 24.68 -3.95 -3.26
CA VAL A 188 24.01 -4.97 -2.43
C VAL A 188 25.04 -5.61 -1.52
N PRO A 189 24.92 -5.46 -0.19
CA PRO A 189 25.84 -6.17 0.71
C PRO A 189 25.74 -7.66 0.54
N ASN A 190 26.84 -8.34 0.86
CA ASN A 190 26.89 -9.79 0.83
C ASN A 190 26.17 -10.39 2.03
N GLY A 191 25.73 -11.63 1.86
CA GLY A 191 25.18 -12.36 2.98
C GLY A 191 23.75 -11.95 3.29
N ALA A 192 23.33 -12.29 4.50
CA ALA A 192 21.98 -11.98 4.95
C ALA A 192 21.84 -10.47 5.20
N LEU A 193 20.64 -9.95 4.95
CA LEU A 193 20.45 -8.51 4.94
C LEU A 193 19.44 -8.06 5.97
N GLN A 194 19.69 -6.90 6.54
CA GLN A 194 18.84 -6.24 7.50
C GLN A 194 18.47 -4.84 7.00
N PHE A 195 17.34 -4.33 7.44
CA PHE A 195 16.83 -3.08 6.92
C PHE A 195 16.49 -2.16 8.08
N ARG A 196 16.46 -0.88 7.77
CA ARG A 196 16.02 0.18 8.67
C ARG A 196 15.11 1.07 7.87
N PHE A 197 13.93 1.36 8.40
CA PHE A 197 12.97 2.21 7.72
C PHE A 197 12.78 3.50 8.49
N VAL A 198 12.73 4.62 7.77
CA VAL A 198 12.26 5.87 8.35
C VAL A 198 10.78 6.00 8.08
N VAL A 199 10.02 6.10 9.15
CA VAL A 199 8.59 6.21 9.16
C VAL A 199 8.24 7.53 9.83
N THR A 200 7.07 8.04 9.51
CA THR A 200 6.60 9.27 10.11
C THR A 200 5.68 8.94 11.30
N SER A 201 6.00 9.50 12.47
CA SER A 201 5.16 9.36 13.66
C SER A 201 4.84 10.76 14.15
N GLY A 202 3.54 11.09 14.18
CA GLY A 202 3.14 12.47 14.30
C GLY A 202 3.70 13.29 13.16
N PHE A 203 4.62 14.20 13.48
CA PHE A 203 5.36 14.96 12.49
C PHE A 203 6.80 14.50 12.35
N ASP A 204 7.27 13.62 13.24
CA ASP A 204 8.68 13.31 13.32
C ASP A 204 9.03 12.02 12.60
N GLY A 205 10.30 11.96 12.16
CA GLY A 205 10.84 10.73 11.65
C GLY A 205 11.06 9.76 12.80
N LYS A 206 10.88 8.47 12.49
CA LYS A 206 11.10 7.41 13.45
C LYS A 206 11.76 6.26 12.70
N TRP A 207 12.81 5.69 13.30
CA TRP A 207 13.47 4.53 12.73
C TRP A 207 12.83 3.26 13.24
N ILE A 208 12.54 2.34 12.31
CA ILE A 208 12.15 0.96 12.60
C ILE A 208 13.28 0.08 12.13
N TRP A 209 13.75 -0.80 13.00
CA TRP A 209 14.93 -1.60 12.74
C TRP A 209 14.49 -3.04 12.58
N ALA A 210 14.72 -3.60 11.38
CA ALA A 210 14.40 -5.00 11.07
C ALA A 210 15.70 -5.79 11.03
N LYS A 211 16.04 -6.44 12.17
CA LYS A 211 17.38 -6.98 12.36
C LYS A 211 17.70 -8.16 11.45
N SER A 212 16.70 -8.92 11.00
CA SER A 212 16.94 -10.09 10.16
C SER A 212 15.77 -10.27 9.19
N VAL A 213 16.01 -9.97 7.91
CA VAL A 213 14.97 -9.99 6.88
C VAL A 213 15.29 -10.97 5.75
N LEU A 214 16.38 -10.72 5.02
CA LEU A 214 16.67 -11.55 3.86
C LEU A 214 17.78 -12.52 4.17
N PRO A 215 17.59 -13.81 3.95
CA PRO A 215 18.66 -14.78 4.15
C PRO A 215 19.77 -14.57 3.13
N ALA A 216 20.94 -15.12 3.43
CA ALA A 216 22.05 -15.00 2.49
C ALA A 216 21.67 -15.54 1.12
N GLU A 217 20.86 -16.59 1.06
CA GLU A 217 20.53 -17.13 -0.26
C GLU A 217 19.15 -16.70 -0.72
N TRP A 218 18.87 -15.41 -0.66
CA TRP A 218 17.55 -14.90 -0.97
C TRP A 218 17.21 -15.13 -2.44
N LYS A 219 15.95 -15.47 -2.69
CA LYS A 219 15.44 -15.85 -4.01
C LYS A 219 14.40 -14.85 -4.47
N THR A 220 14.36 -14.62 -5.78
CA THR A 220 13.30 -13.81 -6.36
C THR A 220 11.96 -14.52 -6.23
N GLY A 221 10.90 -13.73 -6.17
CA GLY A 221 9.56 -14.27 -6.05
C GLY A 221 9.15 -14.65 -4.64
N VAL A 222 10.03 -14.56 -3.65
CA VAL A 222 9.72 -14.98 -2.29
C VAL A 222 9.40 -13.76 -1.44
N ILE A 223 8.39 -13.90 -0.58
CA ILE A 223 8.04 -12.88 0.40
C ILE A 223 8.64 -13.27 1.74
N TYR A 224 9.45 -12.38 2.32
CA TYR A 224 10.16 -12.67 3.56
C TYR A 224 9.61 -11.86 4.72
N ASP A 225 9.32 -12.55 5.83
CA ASP A 225 8.87 -11.89 7.05
C ASP A 225 9.98 -10.99 7.60
N SER A 226 9.69 -9.69 7.76
CA SER A 226 10.70 -8.77 8.24
C SER A 226 10.92 -8.83 9.75
N GLY A 227 10.04 -9.50 10.49
CA GLY A 227 10.10 -9.54 11.95
C GLY A 227 9.57 -8.31 12.66
N VAL A 228 8.99 -7.34 11.95
CA VAL A 228 8.47 -6.13 12.56
C VAL A 228 7.15 -5.76 11.89
N GLN A 229 6.41 -4.88 12.56
CA GLN A 229 5.22 -4.28 11.99
C GLN A 229 5.16 -2.81 12.41
N ILE A 230 4.54 -1.99 11.57
CA ILE A 230 4.39 -0.57 11.82
C ILE A 230 3.02 -0.30 12.43
N THR A 231 2.98 0.59 13.42
CA THR A 231 1.74 1.02 14.05
C THR A 231 1.62 2.53 14.13
N ASP A 232 2.59 3.26 13.61
CA ASP A 232 2.68 4.70 13.76
C ASP A 232 1.66 5.42 12.88
N ILE A 233 1.32 6.63 13.31
CA ILE A 233 0.34 7.47 12.65
C ILE A 233 0.99 8.82 12.33
N ALA A 234 0.94 9.21 11.07
CA ALA A 234 1.42 10.50 10.61
C ALA A 234 0.30 11.52 10.73
N LYS A 235 0.57 12.63 11.41
CA LYS A 235 -0.42 13.70 11.53
C LYS A 235 -0.79 14.25 10.14
N GLU A 236 -2.00 14.79 10.04
CA GLU A 236 -2.49 15.38 8.80
C GLU A 236 -2.78 16.88 8.99
C1 GOL B . 22.47 1.89 -5.44
O1 GOL B . 22.52 2.03 -6.83
C2 GOL B . 22.53 3.30 -4.79
O2 GOL B . 23.14 3.27 -3.51
C3 GOL B . 21.02 3.79 -4.77
O3 GOL B . 20.34 3.05 -3.79
C1 GOL C . -6.61 -6.53 5.78
O1 GOL C . -6.11 -7.24 4.65
C2 GOL C . -6.43 -5.01 5.45
O2 GOL C . -7.27 -4.57 4.40
C3 GOL C . -6.74 -4.27 6.77
O3 GOL C . -6.16 -2.99 6.66
C1 PEG D . -25.59 -7.51 -4.01
O1 PEG D . -26.86 -7.38 -4.61
C2 PEG D . -25.72 -6.98 -2.59
O2 PEG D . -24.50 -7.04 -1.92
C3 PEG D . -24.02 -5.77 -1.54
C4 PEG D . -24.18 -5.65 -0.03
O4 PEG D . -23.37 -4.60 0.43
#